data_6EJW
#
_entry.id   6EJW
#
_cell.length_a   81.310
_cell.length_b   81.310
_cell.length_c   72.000
_cell.angle_alpha   90.000
_cell.angle_beta   90.000
_cell.angle_gamma   90.000
#
_symmetry.space_group_name_H-M   'P 43'
#
loop_
_entity.id
_entity.type
_entity.pdbx_description
1 polymer 'Trp operon repressor'
2 non-polymer '1H-INDOL-3-YLACETIC ACID'
3 water water
#
_entity_poly.entity_id   1
_entity_poly.type   'polypeptide(L)'
_entity_poly.pdbx_seq_one_letter_code
;MAQQSPYSAAMAEQRHQEWLRFVDLLKNAYQNDLHLPLLNLMLTPDEREALGTRVRIVEELLRGEMSQRELKNELGAGIA
TITRGSNSLKAAPVELRQWLEEVLLKSDLEHHHHHH
;
_entity_poly.pdbx_strand_id   A,B,C,D
#
loop_
_chem_comp.id
_chem_comp.type
_chem_comp.name
_chem_comp.formula
IAC non-polymer '1H-INDOL-3-YLACETIC ACID' 'C10 H9 N O2'
#
# COMPACT_ATOMS: atom_id res chain seq x y z
N SER A 5 -11.21 -22.13 -27.73
CA SER A 5 -10.93 -22.76 -26.45
C SER A 5 -10.65 -21.71 -25.38
N PRO A 6 -11.23 -21.87 -24.20
CA PRO A 6 -10.87 -21.00 -23.09
C PRO A 6 -9.40 -21.12 -22.70
N TYR A 7 -8.70 -22.17 -23.12
N TYR A 7 -8.80 -22.24 -23.06
CA TYR A 7 -7.35 -22.43 -22.62
CA TYR A 7 -7.39 -22.54 -22.79
C TYR A 7 -6.24 -21.84 -23.48
C TYR A 7 -6.56 -22.28 -24.04
N SER A 8 -6.58 -21.02 -24.46
CA SER A 8 -5.69 -20.55 -25.51
C SER A 8 -5.01 -19.25 -25.10
N ALA A 9 -3.95 -18.90 -25.84
CA ALA A 9 -3.22 -17.66 -25.59
C ALA A 9 -4.13 -16.44 -25.67
N ALA A 10 -4.85 -16.28 -26.79
CA ALA A 10 -5.71 -15.11 -26.97
C ALA A 10 -6.75 -15.00 -25.84
N MET A 11 -7.33 -16.11 -25.41
CA MET A 11 -8.36 -16.05 -24.36
C MET A 11 -7.74 -15.67 -23.01
N ALA A 12 -6.53 -16.16 -22.73
CA ALA A 12 -5.83 -15.77 -21.50
C ALA A 12 -5.57 -14.27 -21.50
N GLU A 13 -5.02 -13.76 -22.59
CA GLU A 13 -4.73 -12.34 -22.72
C GLU A 13 -5.98 -11.51 -22.49
N GLN A 14 -7.09 -11.93 -23.08
CA GLN A 14 -8.32 -11.17 -22.94
C GLN A 14 -8.87 -11.27 -21.52
N ARG A 15 -8.77 -12.46 -20.92
CA ARG A 15 -9.20 -12.65 -19.53
C ARG A 15 -8.48 -11.69 -18.59
N HIS A 16 -7.17 -11.50 -18.79
CA HIS A 16 -6.38 -10.60 -17.96
C HIS A 16 -6.81 -9.14 -18.14
N GLN A 17 -7.00 -8.70 -19.39
CA GLN A 17 -7.34 -7.31 -19.64
C GLN A 17 -8.78 -6.99 -19.19
N GLU A 18 -9.70 -7.94 -19.38
CA GLU A 18 -11.08 -7.74 -18.92
C GLU A 18 -11.15 -7.64 -17.41
N TRP A 19 -10.35 -8.44 -16.70
CA TRP A 19 -10.31 -8.33 -15.25
C TRP A 19 -9.77 -6.96 -14.85
N LEU A 20 -8.64 -6.53 -15.45
CA LEU A 20 -8.08 -5.24 -15.07
C LEU A 20 -9.02 -4.09 -15.43
N ARG A 21 -9.82 -4.22 -16.50
CA ARG A 21 -10.84 -3.21 -16.79
C ARG A 21 -11.89 -3.10 -15.67
N PHE A 22 -12.34 -4.24 -15.13
CA PHE A 22 -13.27 -4.18 -14.00
C PHE A 22 -12.63 -3.50 -12.79
N VAL A 23 -11.38 -3.87 -12.47
CA VAL A 23 -10.67 -3.26 -11.34
C VAL A 23 -10.60 -1.74 -11.48
N ASP A 24 -10.36 -1.26 -12.70
CA ASP A 24 -10.28 0.18 -12.93
C ASP A 24 -11.66 0.84 -12.88
N LEU A 25 -12.67 0.17 -13.45
CA LEU A 25 -14.04 0.68 -13.37
C LEU A 25 -14.47 0.86 -11.91
N LEU A 26 -14.16 -0.11 -11.08
CA LEU A 26 -14.54 -0.03 -9.68
C LEU A 26 -13.73 1.03 -8.95
N LYS A 27 -12.45 1.17 -9.30
CA LYS A 27 -11.67 2.27 -8.75
C LYS A 27 -12.33 3.61 -9.04
N ASN A 28 -12.82 3.80 -10.27
CA ASN A 28 -13.52 5.05 -10.58
C ASN A 28 -14.85 5.15 -9.84
N ALA A 29 -15.52 4.01 -9.59
CA ALA A 29 -16.78 4.09 -8.87
C ALA A 29 -16.61 4.56 -7.43
N TYR A 30 -15.57 4.06 -6.74
CA TYR A 30 -15.22 4.56 -5.41
C TYR A 30 -14.96 6.06 -5.42
N GLN A 31 -14.22 6.53 -6.42
CA GLN A 31 -13.92 7.96 -6.53
C GLN A 31 -15.18 8.79 -6.72
N ASN A 32 -16.24 8.21 -7.27
CA ASN A 32 -17.46 8.96 -7.53
C ASN A 32 -18.57 8.60 -6.54
N ASP A 33 -18.27 7.80 -5.53
CA ASP A 33 -19.25 7.35 -4.52
C ASP A 33 -20.39 6.56 -5.17
N LEU A 34 -20.09 5.82 -6.23
CA LEU A 34 -21.04 4.92 -6.87
C LEU A 34 -20.66 3.47 -6.66
N HIS A 35 -19.77 3.20 -5.70
CA HIS A 35 -19.26 1.85 -5.52
C HIS A 35 -20.34 0.91 -5.02
N LEU A 36 -21.22 1.37 -4.11
CA LEU A 36 -22.24 0.46 -3.60
C LEU A 36 -23.20 0.00 -4.67
N PRO A 37 -23.85 0.90 -5.46
CA PRO A 37 -24.69 0.41 -6.55
C PRO A 37 -23.92 -0.33 -7.62
N LEU A 38 -22.67 0.05 -7.93
CA LEU A 38 -21.92 -0.73 -8.91
C LEU A 38 -21.74 -2.16 -8.42
N LEU A 39 -21.41 -2.31 -7.12
CA LEU A 39 -21.17 -3.65 -6.58
C LEU A 39 -22.48 -4.42 -6.42
N ASN A 40 -23.60 -3.73 -6.18
CA ASN A 40 -24.89 -4.41 -6.25
C ASN A 40 -25.21 -4.86 -7.68
N LEU A 41 -24.75 -4.11 -8.69
CA LEU A 41 -25.00 -4.51 -10.07
C LEU A 41 -24.11 -5.66 -10.51
N MET A 42 -22.85 -5.66 -10.11
CA MET A 42 -21.88 -6.59 -10.68
CA MET A 42 -21.88 -6.59 -10.68
C MET A 42 -21.78 -7.90 -9.92
N LEU A 43 -22.24 -7.95 -8.68
CA LEU A 43 -22.17 -9.16 -7.88
C LEU A 43 -23.57 -9.64 -7.52
N THR A 44 -23.74 -10.98 -7.43
CA THR A 44 -25.00 -11.52 -6.93
C THR A 44 -25.05 -11.38 -5.40
N PRO A 45 -26.25 -11.47 -4.80
CA PRO A 45 -26.30 -11.39 -3.33
C PRO A 45 -25.43 -12.43 -2.64
N ASP A 46 -25.34 -13.64 -3.18
CA ASP A 46 -24.54 -14.68 -2.53
C ASP A 46 -23.05 -14.41 -2.67
N GLU A 47 -22.62 -13.76 -3.76
CA GLU A 47 -21.22 -13.40 -3.88
C GLU A 47 -20.87 -12.31 -2.88
N ARG A 48 -21.77 -11.33 -2.70
CA ARG A 48 -21.57 -10.31 -1.68
C ARG A 48 -21.50 -10.93 -0.29
N GLU A 49 -22.42 -11.85 0.02
CA GLU A 49 -22.40 -12.54 1.31
C GLU A 49 -21.08 -13.30 1.51
N ALA A 50 -20.64 -14.02 0.47
CA ALA A 50 -19.35 -14.73 0.54
C ALA A 50 -18.20 -13.78 0.84
N LEU A 51 -18.17 -12.61 0.18
CA LEU A 51 -17.07 -11.69 0.40
C LEU A 51 -17.05 -11.19 1.84
N GLY A 52 -18.22 -10.87 2.40
CA GLY A 52 -18.27 -10.51 3.81
C GLY A 52 -17.71 -11.61 4.70
N THR A 53 -18.09 -12.86 4.42
CA THR A 53 -17.63 -13.97 5.25
C THR A 53 -16.14 -14.23 5.05
N ARG A 54 -15.64 -14.05 3.84
CA ARG A 54 -14.21 -14.29 3.61
C ARG A 54 -13.34 -13.28 4.37
N VAL A 55 -13.78 -12.01 4.49
CA VAL A 55 -13.05 -11.05 5.32
C VAL A 55 -12.95 -11.58 6.75
N ARG A 56 -14.04 -12.13 7.28
CA ARG A 56 -14.02 -12.66 8.64
C ARG A 56 -13.04 -13.82 8.76
N ILE A 57 -13.03 -14.71 7.75
CA ILE A 57 -12.11 -15.83 7.79
C ILE A 57 -10.68 -15.33 7.82
N VAL A 58 -10.32 -14.44 6.91
CA VAL A 58 -8.95 -13.93 6.84
C VAL A 58 -8.56 -13.29 8.16
N GLU A 59 -9.49 -12.54 8.75
CA GLU A 59 -9.24 -11.93 10.06
C GLU A 59 -8.89 -12.99 11.10
N GLU A 60 -9.70 -14.06 11.18
CA GLU A 60 -9.49 -15.04 12.25
C GLU A 60 -8.25 -15.89 12.00
N LEU A 61 -7.96 -16.20 10.73
CA LEU A 61 -6.75 -16.94 10.41
C LEU A 61 -5.52 -16.16 10.83
N LEU A 62 -5.48 -14.86 10.52
CA LEU A 62 -4.35 -14.03 10.94
C LEU A 62 -4.31 -13.89 12.45
N ARG A 63 -5.47 -13.67 13.08
CA ARG A 63 -5.51 -13.62 14.54
C ARG A 63 -4.90 -14.87 15.15
N GLY A 64 -5.22 -16.04 14.61
CA GLY A 64 -4.64 -17.26 15.14
C GLY A 64 -5.13 -17.67 16.50
N GLU A 65 -6.24 -17.11 16.96
CA GLU A 65 -6.85 -17.49 18.22
C GLU A 65 -8.02 -18.45 18.05
N MET A 66 -8.46 -18.70 16.81
CA MET A 66 -9.60 -19.56 16.53
C MET A 66 -9.12 -20.78 15.74
N SER A 67 -9.45 -21.97 16.23
CA SER A 67 -9.10 -23.19 15.53
C SER A 67 -9.85 -23.25 14.20
N GLN A 68 -9.19 -23.83 13.20
CA GLN A 68 -9.80 -23.91 11.88
C GLN A 68 -11.12 -24.67 11.90
N ARG A 69 -11.26 -25.64 12.80
CA ARG A 69 -12.54 -26.33 12.90
C ARG A 69 -13.59 -25.49 13.61
N GLU A 70 -13.22 -24.77 14.68
CA GLU A 70 -14.23 -23.90 15.28
C GLU A 70 -14.50 -22.66 14.45
N LEU A 71 -13.78 -22.47 13.35
CA LEU A 71 -14.15 -21.41 12.43
C LEU A 71 -15.44 -21.74 11.70
N LYS A 72 -15.62 -23.02 11.33
CA LYS A 72 -16.87 -23.43 10.69
C LYS A 72 -18.05 -23.24 11.63
N ASN A 73 -17.87 -23.60 12.90
CA ASN A 73 -18.96 -23.47 13.86
C ASN A 73 -19.44 -22.03 13.98
N GLU A 74 -18.53 -21.06 13.85
CA GLU A 74 -18.90 -19.66 14.00
C GLU A 74 -19.43 -19.05 12.71
N LEU A 75 -18.81 -19.37 11.57
CA LEU A 75 -19.09 -18.68 10.32
C LEU A 75 -19.93 -19.49 9.33
N GLY A 76 -20.10 -20.79 9.55
CA GLY A 76 -20.81 -21.66 8.63
C GLY A 76 -19.98 -22.23 7.48
N ALA A 77 -18.77 -21.73 7.25
CA ALA A 77 -17.97 -22.18 6.11
C ALA A 77 -17.39 -23.56 6.36
N GLY A 78 -17.44 -24.41 5.33
CA GLY A 78 -16.85 -25.74 5.45
C GLY A 78 -15.34 -25.70 5.62
N ILE A 79 -14.79 -26.79 6.14
CA ILE A 79 -13.35 -26.88 6.30
C ILE A 79 -12.64 -26.69 4.95
N ALA A 80 -13.24 -27.20 3.88
CA ALA A 80 -12.68 -27.00 2.54
C ALA A 80 -12.59 -25.52 2.20
N THR A 81 -13.61 -24.73 2.56
CA THR A 81 -13.56 -23.30 2.29
C THR A 81 -12.53 -22.60 3.18
N ILE A 82 -12.43 -23.00 4.45
CA ILE A 82 -11.39 -22.43 5.30
C ILE A 82 -9.99 -22.73 4.73
N THR A 83 -9.79 -23.95 4.25
CA THR A 83 -8.51 -24.36 3.70
C THR A 83 -8.15 -23.58 2.43
N ARG A 84 -9.11 -23.42 1.51
CA ARG A 84 -8.84 -22.63 0.32
C ARG A 84 -8.50 -21.18 0.67
N GLY A 85 -9.19 -20.59 1.65
CA GLY A 85 -8.86 -19.23 2.03
C GLY A 85 -7.49 -19.15 2.67
N SER A 86 -7.15 -20.13 3.50
CA SER A 86 -5.81 -20.20 4.06
C SER A 86 -4.74 -20.34 2.97
N ASN A 87 -5.01 -21.17 1.94
CA ASN A 87 -4.11 -21.26 0.78
C ASN A 87 -3.90 -19.89 0.14
N SER A 88 -4.98 -19.13 -0.04
CA SER A 88 -4.88 -17.83 -0.70
C SER A 88 -4.13 -16.83 0.17
N LEU A 89 -4.32 -16.90 1.48
CA LEU A 89 -3.59 -16.03 2.41
C LEU A 89 -2.10 -16.33 2.39
N LYS A 90 -1.73 -17.61 2.34
CA LYS A 90 -0.33 -17.99 2.24
C LYS A 90 0.29 -17.50 0.93
N ALA A 91 -0.50 -17.39 -0.14
CA ALA A 91 0.04 -16.92 -1.40
C ALA A 91 0.07 -15.39 -1.50
N ALA A 92 -0.60 -14.68 -0.59
CA ALA A 92 -0.67 -13.23 -0.68
C ALA A 92 0.70 -12.60 -0.49
N PRO A 93 1.02 -11.52 -1.21
CA PRO A 93 2.29 -10.85 -0.97
C PRO A 93 2.39 -10.31 0.45
N VAL A 94 3.62 -10.24 0.94
CA VAL A 94 3.85 -9.86 2.34
C VAL A 94 3.30 -8.47 2.62
N GLU A 95 3.44 -7.54 1.68
CA GLU A 95 2.96 -6.20 1.98
C GLU A 95 1.46 -6.18 2.16
N LEU A 96 0.71 -7.04 1.44
CA LEU A 96 -0.71 -7.14 1.71
C LEU A 96 -0.96 -7.75 3.08
N ARG A 97 -0.27 -8.85 3.37
CA ARG A 97 -0.44 -9.52 4.65
C ARG A 97 -0.17 -8.56 5.80
N GLN A 98 0.94 -7.81 5.72
CA GLN A 98 1.26 -6.84 6.77
C GLN A 98 0.18 -5.78 6.92
N TRP A 99 -0.37 -5.33 5.79
CA TRP A 99 -1.39 -4.29 5.84
C TRP A 99 -2.68 -4.82 6.47
N LEU A 100 -3.07 -6.04 6.10
CA LEU A 100 -4.26 -6.65 6.69
C LEU A 100 -4.10 -6.84 8.19
N GLU A 101 -2.90 -7.19 8.66
CA GLU A 101 -2.68 -7.35 10.08
C GLU A 101 -2.87 -6.03 10.83
N GLU A 102 -2.59 -4.89 10.19
CA GLU A 102 -2.88 -3.61 10.81
C GLU A 102 -4.38 -3.33 10.84
N VAL A 103 -5.05 -3.46 9.69
CA VAL A 103 -6.42 -2.97 9.57
C VAL A 103 -7.49 -3.97 10.02
N LEU A 104 -7.19 -5.27 10.02
CA LEU A 104 -8.18 -6.26 10.46
C LEU A 104 -8.03 -6.59 11.93
N LEU A 105 -6.79 -6.64 12.42
CA LEU A 105 -6.52 -6.98 13.80
C LEU A 105 -6.31 -5.72 14.63
N SER B 5 -32.82 -19.75 10.34
CA SER B 5 -31.66 -19.19 11.05
C SER B 5 -30.84 -18.30 10.12
N PRO B 6 -30.45 -18.77 8.93
CA PRO B 6 -29.91 -17.82 7.93
C PRO B 6 -30.89 -16.76 7.53
N TYR B 7 -32.19 -16.98 7.78
CA TYR B 7 -33.23 -16.09 7.33
C TYR B 7 -33.75 -15.17 8.45
N SER B 8 -33.08 -15.14 9.59
CA SER B 8 -33.51 -14.26 10.67
C SER B 8 -33.03 -12.82 10.42
N ALA B 9 -33.68 -11.88 11.12
CA ALA B 9 -33.24 -10.49 11.06
C ALA B 9 -31.83 -10.32 11.60
N ALA B 10 -31.46 -11.09 12.63
CA ALA B 10 -30.12 -11.01 13.19
C ALA B 10 -29.05 -11.40 12.17
N MET B 11 -29.28 -12.49 11.42
CA MET B 11 -28.31 -12.86 10.39
C MET B 11 -28.31 -11.85 9.25
N ALA B 12 -29.48 -11.30 8.92
CA ALA B 12 -29.53 -10.26 7.89
C ALA B 12 -28.69 -9.06 8.31
N GLU B 13 -28.76 -8.70 9.59
CA GLU B 13 -27.97 -7.58 10.10
C GLU B 13 -26.49 -7.91 10.05
N GLN B 14 -26.11 -9.12 10.48
CA GLN B 14 -24.72 -9.54 10.46
C GLN B 14 -24.17 -9.59 9.03
N ARG B 15 -24.93 -10.16 8.10
CA ARG B 15 -24.51 -10.19 6.69
C ARG B 15 -24.21 -8.79 6.16
N HIS B 16 -25.11 -7.83 6.40
CA HIS B 16 -24.89 -6.49 5.85
C HIS B 16 -23.69 -5.81 6.49
N GLN B 17 -23.49 -5.96 7.80
CA GLN B 17 -22.31 -5.38 8.44
C GLN B 17 -21.02 -5.96 7.84
N GLU B 18 -21.00 -7.27 7.64
CA GLU B 18 -19.82 -7.91 7.07
C GLU B 18 -19.57 -7.46 5.63
N TRP B 19 -20.62 -7.31 4.83
CA TRP B 19 -20.49 -6.78 3.47
C TRP B 19 -19.91 -5.36 3.49
N LEU B 20 -20.48 -4.48 4.33
CA LEU B 20 -20.00 -3.11 4.42
C LEU B 20 -18.56 -3.04 4.89
N ARG B 21 -18.15 -3.96 5.78
CA ARG B 21 -16.74 -4.02 6.18
C ARG B 21 -15.84 -4.36 5.00
N PHE B 22 -16.26 -5.32 4.19
CA PHE B 22 -15.49 -5.61 2.99
C PHE B 22 -15.44 -4.38 2.07
N VAL B 23 -16.60 -3.78 1.80
CA VAL B 23 -16.63 -2.58 0.95
C VAL B 23 -15.65 -1.54 1.46
N ASP B 24 -15.66 -1.31 2.77
CA ASP B 24 -14.76 -0.33 3.36
C ASP B 24 -13.31 -0.79 3.29
N LEU B 25 -13.07 -2.08 3.45
CA LEU B 25 -11.70 -2.59 3.35
C LEU B 25 -11.14 -2.39 1.95
N LEU B 26 -11.95 -2.64 0.93
CA LEU B 26 -11.47 -2.47 -0.44
C LEU B 26 -11.31 -0.99 -0.81
N LYS B 27 -12.22 -0.14 -0.33
CA LYS B 27 -12.03 1.30 -0.49
C LYS B 27 -10.64 1.71 -0.02
N ASN B 28 -10.28 1.30 1.21
CA ASN B 28 -8.95 1.64 1.72
C ASN B 28 -7.83 0.93 0.95
N ALA B 29 -8.09 -0.25 0.40
CA ALA B 29 -7.04 -0.90 -0.38
C ALA B 29 -6.73 -0.10 -1.64
N TYR B 30 -7.77 0.45 -2.29
CA TYR B 30 -7.55 1.35 -3.42
C TYR B 30 -6.72 2.57 -3.02
N GLN B 31 -6.97 3.13 -1.82
CA GLN B 31 -6.24 4.29 -1.34
C GLN B 31 -4.78 3.97 -1.10
N ASN B 32 -4.47 2.70 -0.80
CA ASN B 32 -3.13 2.25 -0.45
C ASN B 32 -2.47 1.42 -1.55
N ASP B 33 -3.03 1.44 -2.75
CA ASP B 33 -2.55 0.64 -3.89
C ASP B 33 -2.37 -0.85 -3.56
N LEU B 34 -3.28 -1.41 -2.75
CA LEU B 34 -3.26 -2.82 -2.46
C LEU B 34 -4.51 -3.51 -2.99
N HIS B 35 -5.26 -2.83 -3.86
CA HIS B 35 -6.51 -3.40 -4.35
C HIS B 35 -6.26 -4.66 -5.17
N LEU B 36 -5.17 -4.71 -5.94
CA LEU B 36 -5.02 -5.88 -6.82
C LEU B 36 -4.71 -7.15 -6.02
N PRO B 37 -3.72 -7.17 -5.12
CA PRO B 37 -3.55 -8.37 -4.29
C PRO B 37 -4.74 -8.65 -3.37
N LEU B 38 -5.45 -7.61 -2.93
CA LEU B 38 -6.61 -7.85 -2.08
C LEU B 38 -7.70 -8.57 -2.87
N LEU B 39 -7.96 -8.13 -4.10
CA LEU B 39 -8.96 -8.81 -4.93
C LEU B 39 -8.50 -10.20 -5.38
N ASN B 40 -7.19 -10.42 -5.50
CA ASN B 40 -6.68 -11.77 -5.73
C ASN B 40 -6.90 -12.67 -4.52
N LEU B 41 -6.76 -12.12 -3.32
CA LEU B 41 -6.98 -12.91 -2.11
C LEU B 41 -8.46 -13.24 -1.92
N MET B 42 -9.33 -12.24 -2.10
CA MET B 42 -10.71 -12.34 -1.68
CA MET B 42 -10.71 -12.36 -1.68
C MET B 42 -11.63 -12.98 -2.73
N LEU B 43 -11.18 -13.07 -3.98
CA LEU B 43 -11.99 -13.62 -5.07
C LEU B 43 -11.25 -14.80 -5.70
N THR B 44 -11.99 -15.83 -6.06
CA THR B 44 -11.40 -16.95 -6.80
C THR B 44 -11.19 -16.57 -8.26
N PRO B 45 -10.39 -17.35 -9.00
CA PRO B 45 -10.15 -17.01 -10.40
C PRO B 45 -11.41 -16.98 -11.25
N ASP B 46 -12.34 -17.89 -11.02
CA ASP B 46 -13.55 -17.90 -11.83
C ASP B 46 -14.43 -16.68 -11.51
N GLU B 47 -14.36 -16.16 -10.28
CA GLU B 47 -15.13 -14.95 -9.96
C GLU B 47 -14.52 -13.74 -10.63
N ARG B 48 -13.18 -13.65 -10.67
CA ARG B 48 -12.56 -12.54 -11.40
C ARG B 48 -12.88 -12.62 -12.88
N GLU B 49 -12.77 -13.83 -13.45
CA GLU B 49 -13.16 -14.01 -14.84
C GLU B 49 -14.60 -13.59 -15.07
N ALA B 50 -15.50 -13.97 -14.15
CA ALA B 50 -16.92 -13.63 -14.33
C ALA B 50 -17.12 -12.12 -14.24
N LEU B 51 -16.37 -11.44 -13.36
CA LEU B 51 -16.55 -10.00 -13.26
C LEU B 51 -16.07 -9.28 -14.52
N GLY B 52 -14.93 -9.69 -15.08
CA GLY B 52 -14.51 -9.12 -16.35
C GLY B 52 -15.53 -9.33 -17.46
N THR B 53 -16.16 -10.50 -17.51
CA THR B 53 -17.17 -10.75 -18.53
C THR B 53 -18.43 -9.93 -18.27
N ARG B 54 -18.82 -9.79 -17.00
CA ARG B 54 -20.03 -9.03 -16.69
C ARG B 54 -19.90 -7.56 -17.12
N VAL B 55 -18.71 -6.95 -16.98
CA VAL B 55 -18.48 -5.61 -17.52
C VAL B 55 -18.78 -5.55 -19.02
N ARG B 56 -18.31 -6.55 -19.76
CA ARG B 56 -18.56 -6.54 -21.19
C ARG B 56 -20.03 -6.76 -21.49
N ILE B 57 -20.72 -7.54 -20.68
CA ILE B 57 -22.15 -7.74 -20.90
C ILE B 57 -22.91 -6.43 -20.69
N VAL B 58 -22.62 -5.73 -19.58
CA VAL B 58 -23.29 -4.47 -19.29
C VAL B 58 -23.04 -3.47 -20.39
N GLU B 59 -21.79 -3.40 -20.88
CA GLU B 59 -21.46 -2.47 -21.96
C GLU B 59 -22.29 -2.75 -23.20
N GLU B 60 -22.42 -4.01 -23.57
CA GLU B 60 -23.12 -4.35 -24.80
C GLU B 60 -24.63 -4.24 -24.65
N LEU B 61 -25.17 -4.54 -23.47
CA LEU B 61 -26.59 -4.28 -23.21
C LEU B 61 -26.89 -2.80 -23.35
N LEU B 62 -26.04 -1.94 -22.74
CA LEU B 62 -26.24 -0.49 -22.80
C LEU B 62 -26.05 0.06 -24.21
N ARG B 63 -25.09 -0.49 -24.97
CA ARG B 63 -24.93 -0.08 -26.35
C ARG B 63 -26.12 -0.52 -27.19
N GLY B 64 -26.66 -1.70 -26.91
CA GLY B 64 -27.85 -2.19 -27.57
C GLY B 64 -27.68 -2.43 -29.06
N GLU B 65 -26.69 -3.25 -29.42
CA GLU B 65 -26.41 -3.53 -30.82
C GLU B 65 -26.27 -5.01 -31.13
N MET B 66 -26.28 -5.89 -30.12
CA MET B 66 -26.10 -7.31 -30.34
C MET B 66 -27.29 -8.10 -29.79
N SER B 67 -27.44 -9.32 -30.29
CA SER B 67 -28.54 -10.20 -29.93
C SER B 67 -28.04 -11.29 -28.97
N GLN B 68 -28.75 -12.41 -28.91
CA GLN B 68 -28.45 -13.46 -27.96
C GLN B 68 -27.15 -14.16 -28.31
N ARG B 69 -27.13 -14.87 -29.45
CA ARG B 69 -26.02 -15.78 -29.70
C ARG B 69 -24.73 -15.04 -30.00
N GLU B 70 -24.79 -13.81 -30.51
CA GLU B 70 -23.55 -13.06 -30.67
C GLU B 70 -22.99 -12.66 -29.31
N LEU B 71 -23.86 -12.32 -28.36
CA LEU B 71 -23.41 -12.18 -26.99
C LEU B 71 -22.96 -13.52 -26.42
N LYS B 72 -23.69 -14.59 -26.74
CA LYS B 72 -23.19 -15.92 -26.45
C LYS B 72 -21.92 -16.24 -27.25
N ASN B 73 -21.75 -15.62 -28.42
CA ASN B 73 -20.60 -15.89 -29.27
C ASN B 73 -19.31 -15.37 -28.65
N GLU B 74 -19.19 -14.05 -28.53
CA GLU B 74 -17.93 -13.45 -28.13
C GLU B 74 -17.71 -13.47 -26.63
N LEU B 75 -18.77 -13.73 -25.84
CA LEU B 75 -18.63 -13.78 -24.39
C LEU B 75 -18.90 -15.13 -23.78
N GLY B 76 -19.57 -16.04 -24.49
CA GLY B 76 -19.86 -17.34 -23.93
C GLY B 76 -20.84 -17.34 -22.77
N ALA B 77 -21.73 -16.36 -22.70
CA ALA B 77 -22.73 -16.27 -21.64
C ALA B 77 -24.07 -16.77 -22.17
N GLY B 78 -24.70 -17.66 -21.40
CA GLY B 78 -26.02 -18.16 -21.76
C GLY B 78 -27.08 -17.07 -21.69
N ILE B 79 -28.23 -17.40 -22.29
CA ILE B 79 -29.37 -16.48 -22.30
C ILE B 79 -29.84 -16.18 -20.88
N ALA B 80 -29.75 -17.16 -19.97
CA ALA B 80 -30.11 -16.92 -18.58
C ALA B 80 -29.16 -15.92 -17.93
N THR B 81 -27.85 -16.07 -18.13
CA THR B 81 -26.91 -15.14 -17.52
C THR B 81 -27.16 -13.71 -18.02
N ILE B 82 -27.41 -13.55 -19.33
CA ILE B 82 -27.63 -12.22 -19.89
C ILE B 82 -28.94 -11.64 -19.39
N THR B 83 -29.97 -12.47 -19.22
CA THR B 83 -31.24 -12.02 -18.68
C THR B 83 -31.06 -11.47 -17.27
N ARG B 84 -30.33 -12.23 -16.42
CA ARG B 84 -30.09 -11.76 -15.06
C ARG B 84 -29.25 -10.49 -15.07
N GLY B 85 -28.26 -10.40 -15.95
CA GLY B 85 -27.55 -9.14 -16.10
C GLY B 85 -28.48 -8.01 -16.51
N SER B 86 -29.32 -8.26 -17.51
CA SER B 86 -30.32 -7.29 -17.91
C SER B 86 -31.25 -6.91 -16.75
N ASN B 87 -31.73 -7.90 -15.97
CA ASN B 87 -32.58 -7.57 -14.81
C ASN B 87 -31.87 -6.61 -13.87
N SER B 88 -30.60 -6.89 -13.60
CA SER B 88 -29.83 -6.12 -12.63
C SER B 88 -29.59 -4.69 -13.12
N LEU B 89 -29.35 -4.54 -14.43
CA LEU B 89 -29.17 -3.21 -15.01
C LEU B 89 -30.48 -2.42 -14.98
N LYS B 90 -31.61 -3.09 -15.23
CA LYS B 90 -32.90 -2.43 -15.10
C LYS B 90 -33.15 -1.92 -13.68
N ALA B 91 -32.60 -2.60 -12.68
CA ALA B 91 -32.82 -2.17 -11.30
C ALA B 91 -31.84 -1.11 -10.84
N ALA B 92 -30.78 -0.85 -11.60
CA ALA B 92 -29.74 0.06 -11.18
C ALA B 92 -30.27 1.49 -11.10
N PRO B 93 -29.89 2.23 -10.06
CA PRO B 93 -30.16 3.67 -10.04
C PRO B 93 -29.59 4.33 -11.30
N VAL B 94 -30.32 5.30 -11.85
CA VAL B 94 -29.90 5.80 -13.16
C VAL B 94 -28.69 6.71 -13.05
N GLU B 95 -28.36 7.22 -11.87
CA GLU B 95 -27.06 7.85 -11.67
C GLU B 95 -25.94 6.86 -12.00
N LEU B 96 -26.04 5.64 -11.48
CA LEU B 96 -25.05 4.62 -11.84
C LEU B 96 -25.13 4.30 -13.32
N ARG B 97 -26.34 4.13 -13.85
CA ARG B 97 -26.49 3.73 -15.24
C ARG B 97 -25.95 4.80 -16.19
N GLN B 98 -26.24 6.07 -15.91
CA GLN B 98 -25.76 7.13 -16.79
C GLN B 98 -24.25 7.24 -16.74
N TRP B 99 -23.67 7.08 -15.55
CA TRP B 99 -22.22 7.09 -15.45
C TRP B 99 -21.60 5.93 -16.23
N LEU B 100 -22.21 4.74 -16.16
CA LEU B 100 -21.70 3.58 -16.92
C LEU B 100 -21.74 3.85 -18.42
N GLU B 101 -22.81 4.48 -18.91
CA GLU B 101 -22.85 4.83 -20.31
C GLU B 101 -21.73 5.78 -20.66
N GLU B 102 -21.41 6.71 -19.76
CA GLU B 102 -20.33 7.66 -20.03
C GLU B 102 -18.97 6.97 -20.10
N VAL B 103 -18.69 6.06 -19.15
CA VAL B 103 -17.33 5.53 -19.09
C VAL B 103 -17.15 4.25 -19.93
N LEU B 104 -18.21 3.45 -20.12
CA LEU B 104 -18.07 2.20 -20.86
C LEU B 104 -18.23 2.36 -22.37
N LEU B 105 -18.84 3.45 -22.83
CA LEU B 105 -19.14 3.62 -24.26
C LEU B 105 -18.37 4.76 -24.92
N SER C 5 30.31 25.87 -6.37
CA SER C 5 28.89 26.26 -6.48
C SER C 5 28.02 25.61 -5.40
N PRO C 6 28.12 24.30 -5.17
CA PRO C 6 27.51 23.74 -3.96
C PRO C 6 28.23 24.15 -2.69
N TYR C 7 29.42 24.76 -2.81
CA TYR C 7 30.20 25.14 -1.64
C TYR C 7 30.00 26.59 -1.24
N SER C 8 28.96 27.25 -1.75
CA SER C 8 28.74 28.67 -1.57
C SER C 8 27.91 28.93 -0.31
N ALA C 9 27.96 30.19 0.18
CA ALA C 9 27.09 30.57 1.29
C ALA C 9 25.62 30.47 0.90
N ALA C 10 25.29 30.84 -0.34
CA ALA C 10 23.93 30.71 -0.83
C ALA C 10 23.43 29.26 -0.77
N MET C 11 24.26 28.31 -1.20
CA MET C 11 23.76 26.95 -1.23
C MET C 11 23.68 26.36 0.17
N ALA C 12 24.55 26.79 1.09
CA ALA C 12 24.44 26.36 2.49
C ALA C 12 23.08 26.77 3.06
N GLU C 13 22.66 28.01 2.79
CA GLU C 13 21.35 28.46 3.23
C GLU C 13 20.24 27.70 2.51
N GLN C 14 20.41 27.41 1.22
CA GLN C 14 19.38 26.62 0.53
C GLN C 14 19.25 25.22 1.11
N ARG C 15 20.38 24.58 1.43
CA ARG C 15 20.31 23.25 2.02
C ARG C 15 19.53 23.25 3.33
N HIS C 16 19.78 24.24 4.19
CA HIS C 16 19.04 24.24 5.45
CA HIS C 16 19.05 24.33 5.47
C HIS C 16 17.55 24.47 5.24
N GLN C 17 17.16 25.36 4.32
CA GLN C 17 15.74 25.55 4.02
C GLN C 17 15.08 24.26 3.54
N GLU C 18 15.73 23.57 2.59
CA GLU C 18 15.15 22.37 1.98
C GLU C 18 15.08 21.22 2.99
N TRP C 19 16.09 21.11 3.86
CA TRP C 19 16.06 20.10 4.94
C TRP C 19 14.90 20.36 5.88
N LEU C 20 14.74 21.61 6.34
CA LEU C 20 13.64 21.91 7.25
C LEU C 20 12.29 21.65 6.59
N ARG C 21 12.16 21.94 5.29
CA ARG C 21 10.94 21.60 4.57
C ARG C 21 10.62 20.09 4.69
N PHE C 22 11.62 19.23 4.49
CA PHE C 22 11.40 17.80 4.62
C PHE C 22 11.01 17.43 6.06
N VAL C 23 11.75 17.95 7.04
CA VAL C 23 11.46 17.65 8.44
C VAL C 23 10.00 17.99 8.76
N ASP C 24 9.51 19.12 8.26
CA ASP C 24 8.13 19.52 8.55
C ASP C 24 7.12 18.71 7.75
N LEU C 25 7.46 18.35 6.51
CA LEU C 25 6.59 17.45 5.75
C LEU C 25 6.40 16.12 6.47
N LEU C 26 7.48 15.54 6.95
CA LEU C 26 7.39 14.25 7.61
C LEU C 26 6.69 14.36 8.96
N LYS C 27 6.96 15.44 9.72
CA LYS C 27 6.15 15.76 10.91
C LYS C 27 4.66 15.70 10.58
N ASN C 28 4.26 16.41 9.51
CA ASN C 28 2.85 16.45 9.11
C ASN C 28 2.35 15.07 8.66
N ALA C 29 3.21 14.29 8.01
CA ALA C 29 2.79 12.97 7.55
C ALA C 29 2.51 12.07 8.73
N TYR C 30 3.36 12.13 9.77
CA TYR C 30 3.10 11.35 10.98
C TYR C 30 1.75 11.70 11.60
N GLN C 31 1.36 12.98 11.58
CA GLN C 31 0.07 13.34 12.14
C GLN C 31 -1.09 12.98 11.24
N ASN C 32 -0.83 12.70 9.97
CA ASN C 32 -1.90 12.26 9.09
C ASN C 32 -1.85 10.76 8.84
N ASP C 33 -0.98 10.05 9.57
CA ASP C 33 -0.71 8.63 9.38
C ASP C 33 -0.36 8.31 7.93
N LEU C 34 0.53 9.12 7.37
CA LEU C 34 1.03 8.91 6.02
C LEU C 34 2.54 8.76 6.04
N HIS C 35 3.12 8.65 7.23
CA HIS C 35 4.57 8.56 7.35
C HIS C 35 5.10 7.30 6.67
N LEU C 36 4.36 6.18 6.74
CA LEU C 36 4.89 4.96 6.14
C LEU C 36 5.03 5.09 4.64
N PRO C 37 3.99 5.47 3.88
CA PRO C 37 4.20 5.67 2.42
C PRO C 37 5.15 6.82 2.10
N LEU C 38 5.17 7.90 2.91
CA LEU C 38 6.08 8.99 2.59
C LEU C 38 7.53 8.53 2.71
N LEU C 39 7.82 7.68 3.72
CA LEU C 39 9.19 7.21 3.91
C LEU C 39 9.60 6.19 2.86
N ASN C 40 8.63 5.41 2.34
CA ASN C 40 8.88 4.57 1.18
C ASN C 40 9.16 5.40 -0.07
N LEU C 41 8.50 6.56 -0.20
CA LEU C 41 8.70 7.43 -1.35
C LEU C 41 10.06 8.14 -1.29
N MET C 42 10.41 8.67 -0.14
CA MET C 42 11.58 9.52 -0.01
C MET C 42 12.88 8.77 0.25
N LEU C 43 12.82 7.51 0.69
CA LEU C 43 14.03 6.74 0.96
C LEU C 43 14.09 5.52 0.04
N THR C 44 15.29 5.18 -0.41
CA THR C 44 15.49 3.94 -1.14
C THR C 44 15.43 2.77 -0.16
N PRO C 45 15.23 1.54 -0.66
CA PRO C 45 15.21 0.39 0.27
C PRO C 45 16.49 0.26 1.08
N ASP C 46 17.64 0.57 0.48
CA ASP C 46 18.90 0.40 1.19
C ASP C 46 19.07 1.45 2.26
N GLU C 47 18.46 2.63 2.07
CA GLU C 47 18.51 3.64 3.10
C GLU C 47 17.62 3.27 4.28
N ARG C 48 16.44 2.69 4.03
CA ARG C 48 15.61 2.20 5.12
C ARG C 48 16.29 1.06 5.88
N GLU C 49 16.94 0.15 5.16
CA GLU C 49 17.68 -0.92 5.82
C GLU C 49 18.79 -0.35 6.70
N ALA C 50 19.49 0.67 6.20
CA ALA C 50 20.58 1.28 6.98
C ALA C 50 20.04 1.93 8.24
N LEU C 51 18.93 2.67 8.12
CA LEU C 51 18.36 3.33 9.29
C LEU C 51 17.98 2.33 10.35
N GLY C 52 17.36 1.21 9.95
CA GLY C 52 17.09 0.15 10.90
C GLY C 52 18.35 -0.36 11.59
N THR C 53 19.40 -0.59 10.81
CA THR C 53 20.65 -1.08 11.39
C THR C 53 21.26 -0.03 12.32
N ARG C 54 21.14 1.24 11.97
CA ARG C 54 21.76 2.29 12.77
C ARG C 54 21.15 2.37 14.16
N VAL C 55 19.81 2.23 14.27
CA VAL C 55 19.18 2.18 15.59
C VAL C 55 19.81 1.08 16.43
N ARG C 56 20.01 -0.09 15.83
CA ARG C 56 20.60 -1.21 16.56
C ARG C 56 22.00 -0.85 17.02
N ILE C 57 22.76 -0.14 16.19
CA ILE C 57 24.12 0.23 16.55
C ILE C 57 24.11 1.24 17.70
N VAL C 58 23.26 2.27 17.61
CA VAL C 58 23.19 3.26 18.68
C VAL C 58 22.79 2.60 20.01
N GLU C 59 21.82 1.68 19.94
CA GLU C 59 21.44 0.89 21.12
C GLU C 59 22.65 0.18 21.74
N GLU C 60 23.45 -0.52 20.93
CA GLU C 60 24.52 -1.30 21.55
C GLU C 60 25.67 -0.42 22.04
N LEU C 61 25.96 0.69 21.33
CA LEU C 61 26.95 1.64 21.85
C LEU C 61 26.52 2.17 23.21
N LEU C 62 25.26 2.63 23.31
CA LEU C 62 24.73 3.08 24.59
C LEU C 62 24.72 1.95 25.63
N ARG C 63 24.50 0.71 25.19
CA ARG C 63 24.54 -0.41 26.11
C ARG C 63 25.96 -0.67 26.58
N GLY C 64 26.93 -0.60 25.67
CA GLY C 64 28.33 -0.68 26.05
C GLY C 64 28.81 -2.06 26.43
N GLU C 65 28.00 -3.09 26.24
CA GLU C 65 28.44 -4.45 26.54
C GLU C 65 29.04 -5.16 25.34
N MET C 66 28.59 -4.86 24.13
CA MET C 66 29.12 -5.54 22.95
C MET C 66 30.36 -4.84 22.43
N SER C 67 31.17 -5.59 21.70
CA SER C 67 32.42 -5.11 21.15
C SER C 67 32.34 -5.13 19.62
N GLN C 68 33.47 -4.85 18.98
CA GLN C 68 33.47 -4.60 17.54
C GLN C 68 33.17 -5.87 16.77
N ARG C 69 33.90 -6.96 17.04
CA ARG C 69 33.65 -8.19 16.33
C ARG C 69 32.22 -8.70 16.56
N GLU C 70 31.69 -8.51 17.77
CA GLU C 70 30.28 -8.86 17.99
C GLU C 70 29.37 -7.95 17.17
N LEU C 71 29.67 -6.65 17.13
CA LEU C 71 28.82 -5.71 16.40
C LEU C 71 28.87 -5.97 14.90
N LYS C 72 30.07 -6.11 14.33
CA LYS C 72 30.17 -6.52 12.93
C LYS C 72 29.53 -7.88 12.70
N ASN C 73 29.63 -8.80 13.67
CA ASN C 73 29.01 -10.11 13.51
C ASN C 73 27.48 -10.01 13.52
N GLU C 74 26.92 -9.37 14.56
CA GLU C 74 25.48 -9.34 14.69
C GLU C 74 24.83 -8.45 13.63
N LEU C 75 25.46 -7.31 13.30
CA LEU C 75 24.82 -6.30 12.47
C LEU C 75 25.44 -6.14 11.09
N GLY C 76 26.63 -6.68 10.84
CA GLY C 76 27.23 -6.57 9.53
C GLY C 76 27.87 -5.23 9.21
N ALA C 77 28.17 -4.43 10.23
CA ALA C 77 28.65 -3.07 10.04
C ALA C 77 30.17 -3.04 10.10
N GLY C 78 30.78 -2.46 9.07
CA GLY C 78 32.21 -2.21 9.07
C GLY C 78 32.65 -1.42 10.28
N ILE C 79 33.87 -1.64 10.75
CA ILE C 79 34.39 -0.89 11.89
C ILE C 79 34.34 0.61 11.60
N ALA C 80 34.54 0.99 10.35
CA ALA C 80 34.44 2.40 9.97
C ALA C 80 33.03 2.91 10.19
N THR C 81 32.03 2.09 9.87
CA THR C 81 30.64 2.49 10.10
C THR C 81 30.37 2.70 11.58
N ILE C 82 30.87 1.80 12.43
CA ILE C 82 30.62 1.94 13.86
C ILE C 82 31.33 3.16 14.41
N THR C 83 32.53 3.45 13.91
CA THR C 83 33.25 4.63 14.37
C THR C 83 32.49 5.90 14.00
N ARG C 84 32.02 5.98 12.75
CA ARG C 84 31.24 7.14 12.33
CA ARG C 84 31.24 7.14 12.33
C ARG C 84 29.97 7.26 13.16
N GLY C 85 29.32 6.13 13.45
CA GLY C 85 28.19 6.17 14.34
C GLY C 85 28.56 6.63 15.74
N SER C 86 29.68 6.12 16.27
CA SER C 86 30.10 6.58 17.59
C SER C 86 30.42 8.09 17.59
N ASN C 87 30.98 8.60 16.48
CA ASN C 87 31.23 10.03 16.36
C ASN C 87 29.94 10.83 16.45
N SER C 88 28.86 10.35 15.84
CA SER C 88 27.63 11.11 15.86
C SER C 88 26.96 11.05 17.21
N LEU C 89 27.07 9.92 17.90
CA LEU C 89 26.49 9.79 19.23
C LEU C 89 27.20 10.71 20.20
N LYS C 90 28.51 10.89 20.04
CA LYS C 90 29.25 11.79 20.90
C LYS C 90 28.87 13.24 20.65
N ALA C 91 28.53 13.57 19.40
CA ALA C 91 28.11 14.92 19.06
C ALA C 91 26.64 15.19 19.33
N ALA C 92 25.86 14.19 19.78
CA ALA C 92 24.43 14.41 20.03
C ALA C 92 24.21 15.22 21.30
N PRO C 93 23.10 15.97 21.38
CA PRO C 93 22.85 16.75 22.60
C PRO C 93 22.45 15.84 23.74
N VAL C 94 22.57 16.39 24.95
CA VAL C 94 22.33 15.59 26.16
C VAL C 94 20.90 15.11 26.22
N GLU C 95 19.94 15.94 25.82
CA GLU C 95 18.53 15.59 25.94
C GLU C 95 18.18 14.41 25.08
N LEU C 96 18.87 14.26 23.94
CA LEU C 96 18.60 13.14 23.05
C LEU C 96 19.22 11.86 23.61
N ARG C 97 20.49 11.92 23.97
CA ARG C 97 21.17 10.72 24.45
C ARG C 97 20.47 10.13 25.66
N GLN C 98 20.07 10.98 26.62
CA GLN C 98 19.38 10.50 27.81
C GLN C 98 18.01 9.93 27.46
N TRP C 99 17.32 10.54 26.49
CA TRP C 99 16.04 10.00 26.06
C TRP C 99 16.22 8.68 25.33
N LEU C 100 17.24 8.57 24.48
CA LEU C 100 17.50 7.29 23.81
C LEU C 100 17.86 6.19 24.81
N GLU C 101 18.60 6.54 25.86
CA GLU C 101 18.96 5.51 26.83
C GLU C 101 17.72 5.01 27.57
N GLU C 102 16.69 5.85 27.72
CA GLU C 102 15.43 5.38 28.29
C GLU C 102 14.62 4.58 27.28
N VAL C 103 14.56 5.04 26.03
CA VAL C 103 13.66 4.38 25.09
C VAL C 103 14.30 3.14 24.46
N LEU C 104 15.62 3.12 24.22
CA LEU C 104 16.23 1.98 23.55
C LEU C 104 16.67 0.88 24.51
N LEU C 105 17.11 1.24 25.71
CA LEU C 105 17.67 0.28 26.66
C LEU C 105 16.64 -0.15 27.68
N SER D 5 22.55 -15.47 2.52
CA SER D 5 22.11 -15.16 3.88
C SER D 5 21.28 -13.87 3.93
N PRO D 6 21.76 -12.76 3.36
CA PRO D 6 20.93 -11.54 3.36
C PRO D 6 19.64 -11.70 2.58
N TYR D 7 19.51 -12.69 1.69
CA TYR D 7 18.32 -12.84 0.87
C TYR D 7 17.28 -13.80 1.47
N SER D 8 17.43 -14.18 2.73
CA SER D 8 16.56 -15.15 3.36
C SER D 8 15.31 -14.49 3.96
N ALA D 9 14.29 -15.32 4.19
CA ALA D 9 13.07 -14.82 4.83
C ALA D 9 13.36 -14.32 6.24
N ALA D 10 14.24 -15.00 6.98
CA ALA D 10 14.61 -14.55 8.32
C ALA D 10 15.21 -13.14 8.29
N MET D 11 16.12 -12.87 7.34
CA MET D 11 16.69 -11.54 7.26
C MET D 11 15.66 -10.52 6.81
N ALA D 12 14.78 -10.90 5.87
CA ALA D 12 13.72 -10.00 5.44
C ALA D 12 12.86 -9.55 6.62
N GLU D 13 12.40 -10.51 7.44
CA GLU D 13 11.59 -10.20 8.62
C GLU D 13 12.38 -9.35 9.61
N GLN D 14 13.66 -9.67 9.82
CA GLN D 14 14.48 -8.85 10.72
C GLN D 14 14.62 -7.42 10.20
N ARG D 15 14.86 -7.27 8.90
CA ARG D 15 14.98 -5.92 8.33
C ARG D 15 13.67 -5.14 8.50
N HIS D 16 12.53 -5.82 8.30
CA HIS D 16 11.25 -5.14 8.45
C HIS D 16 10.99 -4.74 9.90
N GLN D 17 11.31 -5.60 10.86
CA GLN D 17 11.15 -5.22 12.26
C GLN D 17 12.11 -4.08 12.65
N GLU D 18 13.36 -4.12 12.16
CA GLU D 18 14.30 -3.04 12.46
C GLU D 18 13.81 -1.71 11.89
N TRP D 19 13.25 -1.75 10.69
CA TRP D 19 12.72 -0.54 10.06
C TRP D 19 11.56 0.02 10.86
N LEU D 20 10.63 -0.84 11.26
CA LEU D 20 9.47 -0.35 12.01
C LEU D 20 9.87 0.18 13.37
N ARG D 21 10.94 -0.37 13.97
CA ARG D 21 11.42 0.21 15.23
C ARG D 21 11.97 1.62 15.02
N PHE D 22 12.68 1.83 13.92
CA PHE D 22 13.15 3.18 13.59
C PHE D 22 11.97 4.13 13.37
N VAL D 23 10.96 3.67 12.62
CA VAL D 23 9.81 4.53 12.34
C VAL D 23 9.13 4.95 13.63
N ASP D 24 9.02 4.02 14.58
CA ASP D 24 8.38 4.34 15.85
C ASP D 24 9.27 5.22 16.73
N LEU D 25 10.58 4.97 16.72
CA LEU D 25 11.51 5.84 17.42
C LEU D 25 11.37 7.28 16.94
N LEU D 26 11.31 7.46 15.63
CA LEU D 26 11.20 8.81 15.10
C LEU D 26 9.83 9.40 15.38
N LYS D 27 8.78 8.58 15.35
CA LYS D 27 7.45 9.05 15.75
C LYS D 27 7.49 9.66 17.15
N ASN D 28 8.11 8.96 18.09
CA ASN D 28 8.14 9.44 19.47
C ASN D 28 9.16 10.57 19.64
N ALA D 29 10.20 10.62 18.82
CA ALA D 29 11.07 11.79 18.81
C ALA D 29 10.28 13.05 18.43
N TYR D 30 9.46 12.97 17.36
CA TYR D 30 8.62 14.11 17.00
C TYR D 30 7.68 14.50 18.15
N GLN D 31 7.10 13.50 18.83
CA GLN D 31 6.18 13.82 19.92
C GLN D 31 6.87 14.52 21.08
N ASN D 32 8.18 14.30 21.25
CA ASN D 32 8.88 14.89 22.38
C ASN D 32 9.82 16.00 21.95
N ASP D 33 9.65 16.52 20.74
CA ASP D 33 10.44 17.62 20.19
C ASP D 33 11.93 17.27 20.08
N LEU D 34 12.25 16.00 19.84
CA LEU D 34 13.64 15.56 19.70
C LEU D 34 13.96 15.13 18.27
N HIS D 35 13.11 15.49 17.32
CA HIS D 35 13.27 14.97 15.97
C HIS D 35 14.49 15.58 15.30
N LEU D 36 14.76 16.86 15.52
CA LEU D 36 15.89 17.49 14.85
C LEU D 36 17.22 16.83 15.25
N PRO D 37 17.55 16.68 16.53
CA PRO D 37 18.79 15.96 16.87
C PRO D 37 18.75 14.47 16.53
N LEU D 38 17.58 13.81 16.57
CA LEU D 38 17.57 12.41 16.17
C LEU D 38 17.93 12.28 14.69
N LEU D 39 17.40 13.16 13.84
CA LEU D 39 17.67 13.03 12.41
C LEU D 39 19.14 13.39 12.09
N ASN D 40 19.73 14.31 12.87
CA ASN D 40 21.14 14.61 12.76
C ASN D 40 21.99 13.43 13.14
N LEU D 41 21.55 12.67 14.15
CA LEU D 41 22.32 11.50 14.58
C LEU D 41 22.18 10.36 13.59
N MET D 42 20.96 10.12 13.10
CA MET D 42 20.68 8.90 12.34
CA MET D 42 20.62 8.93 12.33
C MET D 42 20.98 9.04 10.86
N LEU D 43 21.09 10.26 10.33
CA LEU D 43 21.34 10.49 8.91
C LEU D 43 22.67 11.20 8.71
N THR D 44 23.39 10.84 7.64
CA THR D 44 24.60 11.57 7.27
C THR D 44 24.22 12.89 6.62
N PRO D 45 25.14 13.85 6.54
CA PRO D 45 24.83 15.11 5.83
C PRO D 45 24.38 14.90 4.40
N ASP D 46 25.02 13.99 3.64
CA ASP D 46 24.58 13.81 2.25
C ASP D 46 23.18 13.22 2.17
N GLU D 47 22.78 12.38 3.13
CA GLU D 47 21.42 11.86 3.09
C GLU D 47 20.42 12.97 3.43
N ARG D 48 20.76 13.79 4.42
CA ARG D 48 19.91 14.95 4.74
C ARG D 48 19.77 15.87 3.53
N GLU D 49 20.87 16.13 2.83
CA GLU D 49 20.80 16.97 1.64
C GLU D 49 19.94 16.31 0.57
N ALA D 50 20.13 15.01 0.34
CA ALA D 50 19.32 14.33 -0.69
C ALA D 50 17.85 14.37 -0.34
N LEU D 51 17.51 14.21 0.94
CA LEU D 51 16.10 14.26 1.31
C LEU D 51 15.50 15.64 1.03
N GLY D 52 16.22 16.71 1.39
CA GLY D 52 15.77 18.06 1.02
C GLY D 52 15.56 18.21 -0.49
N THR D 53 16.51 17.72 -1.29
CA THR D 53 16.38 17.84 -2.75
C THR D 53 15.24 16.96 -3.28
N ARG D 54 15.10 15.76 -2.74
CA ARG D 54 14.04 14.86 -3.20
C ARG D 54 12.64 15.47 -2.98
N VAL D 55 12.44 16.19 -1.87
CA VAL D 55 11.16 16.89 -1.71
C VAL D 55 10.93 17.85 -2.87
N ARG D 56 11.99 18.57 -3.28
CA ARG D 56 11.89 19.53 -4.39
C ARG D 56 11.58 18.84 -5.69
N ILE D 57 12.17 17.66 -5.91
CA ILE D 57 11.90 16.91 -7.13
C ILE D 57 10.46 16.44 -7.18
N VAL D 58 9.97 15.88 -6.06
CA VAL D 58 8.58 15.41 -6.00
C VAL D 58 7.62 16.56 -6.26
N GLU D 59 7.90 17.70 -5.65
CA GLU D 59 7.06 18.87 -5.85
C GLU D 59 7.03 19.26 -7.32
N GLU D 60 8.20 19.35 -7.95
CA GLU D 60 8.26 19.81 -9.33
C GLU D 60 7.70 18.77 -10.30
N LEU D 61 7.85 17.47 -10.00
CA LEU D 61 7.24 16.44 -10.84
C LEU D 61 5.72 16.51 -10.77
N LEU D 62 5.18 16.62 -9.55
CA LEU D 62 3.74 16.76 -9.38
C LEU D 62 3.21 18.04 -10.03
N ARG D 63 3.99 19.13 -10.01
CA ARG D 63 3.55 20.36 -10.65
C ARG D 63 3.56 20.23 -12.16
N GLY D 64 4.58 19.57 -12.72
CA GLY D 64 4.58 19.21 -14.12
C GLY D 64 4.88 20.34 -15.08
N GLU D 65 5.72 21.30 -14.67
CA GLU D 65 6.03 22.45 -15.50
C GLU D 65 7.47 22.49 -15.98
N MET D 66 8.36 21.70 -15.38
CA MET D 66 9.77 21.71 -15.73
C MET D 66 10.16 20.45 -16.47
N SER D 67 11.15 20.59 -17.35
CA SER D 67 11.70 19.48 -18.12
C SER D 67 12.85 18.84 -17.34
N GLN D 68 13.21 17.62 -17.75
CA GLN D 68 14.31 16.91 -17.12
C GLN D 68 15.60 17.73 -17.19
N ARG D 69 15.81 18.44 -18.30
CA ARG D 69 16.97 19.32 -18.42
C ARG D 69 16.86 20.50 -17.44
N GLU D 70 15.65 21.01 -17.23
CA GLU D 70 15.46 22.08 -16.27
C GLU D 70 15.69 21.59 -14.85
N LEU D 71 15.24 20.38 -14.53
CA LEU D 71 15.37 19.87 -13.17
C LEU D 71 16.83 19.67 -12.79
N LYS D 72 17.60 19.05 -13.68
CA LYS D 72 19.04 18.91 -13.45
C LYS D 72 19.68 20.27 -13.21
N ASN D 73 19.31 21.28 -14.01
CA ASN D 73 20.00 22.56 -13.96
C ASN D 73 19.80 23.27 -12.61
N GLU D 74 18.61 23.15 -12.03
CA GLU D 74 18.27 23.88 -10.81
C GLU D 74 18.43 23.07 -9.53
N LEU D 75 18.30 21.74 -9.58
CA LEU D 75 18.51 20.92 -8.40
C LEU D 75 19.80 20.11 -8.45
N GLY D 76 20.50 20.10 -9.58
CA GLY D 76 21.73 19.34 -9.72
C GLY D 76 21.55 17.85 -9.87
N ALA D 77 20.33 17.37 -10.07
CA ALA D 77 20.06 15.94 -10.06
C ALA D 77 20.07 15.38 -11.48
N GLY D 78 20.87 14.33 -11.70
CA GLY D 78 20.95 13.70 -13.00
C GLY D 78 19.62 13.12 -13.46
N ILE D 79 19.57 12.82 -14.76
CA ILE D 79 18.38 12.24 -15.36
C ILE D 79 18.05 10.90 -14.73
N ALA D 80 19.08 10.12 -14.35
CA ALA D 80 18.85 8.86 -13.66
C ALA D 80 18.16 9.09 -12.32
N THR D 81 18.58 10.12 -11.59
CA THR D 81 17.96 10.43 -10.30
C THR D 81 16.50 10.82 -10.48
N ILE D 82 16.21 11.71 -11.44
CA ILE D 82 14.84 12.16 -11.66
C ILE D 82 13.95 10.98 -12.05
N THR D 83 14.48 10.08 -12.89
CA THR D 83 13.72 8.91 -13.32
C THR D 83 13.37 8.02 -12.14
N ARG D 84 14.33 7.75 -11.26
CA ARG D 84 14.01 6.94 -10.10
C ARG D 84 13.03 7.65 -9.18
N GLY D 85 13.19 8.97 -9.02
CA GLY D 85 12.18 9.71 -8.26
C GLY D 85 10.80 9.63 -8.89
N SER D 86 10.74 9.72 -10.23
CA SER D 86 9.48 9.54 -10.92
C SER D 86 8.93 8.13 -10.73
N ASN D 87 9.81 7.12 -10.73
CA ASN D 87 9.37 5.76 -10.44
C ASN D 87 8.74 5.66 -9.04
N SER D 88 9.38 6.22 -8.03
CA SER D 88 8.83 6.14 -6.67
CA SER D 88 8.82 6.12 -6.69
C SER D 88 7.50 6.88 -6.58
N LEU D 89 7.40 8.03 -7.25
CA LEU D 89 6.16 8.79 -7.18
C LEU D 89 5.02 8.06 -7.86
N LYS D 90 5.30 7.40 -9.00
CA LYS D 90 4.29 6.59 -9.67
C LYS D 90 3.83 5.43 -8.80
N ALA D 91 4.72 4.89 -7.96
CA ALA D 91 4.35 3.81 -7.07
C ALA D 91 3.65 4.28 -5.78
N ALA D 92 3.68 5.57 -5.46
CA ALA D 92 3.07 6.05 -4.22
C ALA D 92 1.56 5.81 -4.23
N PRO D 93 0.97 5.38 -3.11
CA PRO D 93 -0.49 5.22 -3.06
C PRO D 93 -1.18 6.55 -3.25
N VAL D 94 -2.43 6.47 -3.72
CA VAL D 94 -3.21 7.65 -4.05
C VAL D 94 -3.35 8.57 -2.84
N GLU D 95 -3.64 8.02 -1.66
CA GLU D 95 -3.84 8.88 -0.51
C GLU D 95 -2.60 9.71 -0.22
N LEU D 96 -1.40 9.15 -0.43
CA LEU D 96 -0.21 9.94 -0.21
C LEU D 96 -0.05 11.02 -1.28
N ARG D 97 -0.25 10.64 -2.54
CA ARG D 97 -0.02 11.60 -3.61
C ARG D 97 -1.02 12.76 -3.54
N GLN D 98 -2.29 12.45 -3.26
CA GLN D 98 -3.26 13.52 -3.09
C GLN D 98 -2.86 14.44 -1.93
N TRP D 99 -2.45 13.86 -0.80
CA TRP D 99 -2.04 14.68 0.32
C TRP D 99 -0.82 15.52 -0.05
N LEU D 100 0.15 14.94 -0.76
CA LEU D 100 1.31 15.72 -1.19
C LEU D 100 0.91 16.87 -2.11
N GLU D 101 -0.04 16.62 -3.03
CA GLU D 101 -0.55 17.69 -3.86
C GLU D 101 -1.13 18.83 -3.02
N GLU D 102 -1.76 18.50 -1.89
CA GLU D 102 -2.36 19.53 -1.05
C GLU D 102 -1.29 20.29 -0.27
N VAL D 103 -0.36 19.59 0.37
CA VAL D 103 0.58 20.29 1.23
C VAL D 103 1.74 20.92 0.43
N LEU D 104 2.17 20.31 -0.69
CA LEU D 104 3.31 20.86 -1.43
C LEU D 104 2.93 21.91 -2.47
N LEU D 105 1.74 21.84 -3.05
CA LEU D 105 1.38 22.75 -4.15
C LEU D 105 0.33 23.76 -3.71
C IAC E . -11.06 -16.69 0.41
C IAC E . -11.08 -16.76 0.14
C1 IAC E . -11.70 -17.91 0.26
C1 IAC E . -11.76 -17.92 0.43
C2 IAC E . -12.18 -18.58 1.38
C2 IAC E . -12.05 -18.25 1.75
C3 IAC E . -12.01 -18.03 2.63
C3 IAC E . -11.62 -17.42 2.78
C4 IAC E . -11.35 -16.81 2.80
C4 IAC E . -10.92 -16.25 2.49
C5 IAC E . -10.88 -16.15 1.69
C5 IAC E . -10.65 -15.92 1.17
C7 IAC E . -11.74 -18.19 -1.08
C7 IAC E . -12.06 -18.55 -0.74
C8 IAC E . -11.11 -17.17 -1.76
C8 IAC E . -11.56 -17.79 -1.78
C17 IAC E . -12.28 -19.36 -1.93
C17 IAC E . -12.81 -19.86 -1.02
C18 IAC E . -13.71 -19.72 -1.53
C18 IAC E . -12.47 -20.51 -2.36
N IAC E . -10.70 -16.24 -0.83
N IAC E . -10.96 -16.68 -1.23
O2 IAC E . -14.47 -18.80 -1.11
O2 IAC E . -11.29 -20.56 -2.79
O3 IAC E . -14.12 -20.91 -1.60
O3 IAC E . -13.40 -21.03 -3.04
C IAC F . -2.89 -21.13 -28.48
C1 IAC F . -1.66 -20.64 -28.79
C2 IAC F . -1.45 -20.10 -30.08
C3 IAC F . -2.48 -20.07 -31.01
C4 IAC F . -3.72 -20.58 -30.67
C5 IAC F . -3.93 -21.10 -29.39
C7 IAC F . -0.83 -20.78 -27.70
C8 IAC F . -1.58 -21.38 -26.72
C17 IAC F . 0.65 -20.45 -27.41
C18 IAC F . 0.98 -19.93 -25.99
N IAC F . -2.83 -21.58 -27.19
O2 IAC F . 1.13 -18.67 -25.86
O3 IAC F . 1.12 -20.70 -24.94
C IAC G . -8.69 -15.69 -14.24
C1 IAC G . -7.35 -15.71 -14.56
C2 IAC G . -6.61 -14.50 -14.64
C3 IAC G . -7.26 -13.29 -14.40
C4 IAC G . -8.61 -13.28 -14.09
C5 IAC G . -9.33 -14.47 -13.99
C7 IAC G . -6.97 -17.02 -14.74
C8 IAC G . -8.08 -17.81 -14.54
C17 IAC G . -5.65 -17.70 -15.10
C18 IAC G . -5.06 -17.10 -16.39
N IAC G . -9.13 -17.00 -14.23
O2 IAC G . -5.62 -17.27 -17.55
O3 IAC G . -3.98 -16.45 -16.29
C IAC H . -24.51 -9.40 -14.07
C IAC H . -24.35 -9.18 -13.54
C1 IAC H . -24.89 -10.67 -14.40
C1 IAC H . -24.41 -10.47 -13.98
C2 IAC H . -24.80 -11.11 -15.73
C2 IAC H . -24.30 -10.73 -15.37
C3 IAC H . -24.33 -10.23 -16.71
C3 IAC H . -24.13 -9.68 -16.26
C4 IAC H . -23.94 -8.95 -16.37
C4 IAC H . -24.07 -8.37 -15.80
C5 IAC H . -24.02 -8.52 -15.05
C5 IAC H . -24.18 -8.11 -14.45
C7 IAC H . -25.31 -11.30 -13.26
C7 IAC H . -24.58 -11.30 -12.91
C8 IAC H . -25.18 -10.41 -12.22
C8 IAC H . -24.61 -10.51 -11.78
C17 IAC H . -25.86 -12.69 -12.92
C17 IAC H . -24.69 -12.82 -12.71
C18 IAC H . -24.82 -13.76 -13.22
C18 IAC H . -26.03 -13.31 -12.19
N IAC H . -24.69 -9.25 -12.71
N IAC H . -24.48 -9.20 -12.18
O2 IAC H . -25.16 -14.94 -13.51
O2 IAC H . -26.31 -14.52 -12.32
O3 IAC H . -23.61 -13.45 -13.20
O3 IAC H . -26.85 -12.53 -11.63
C IAC I . 24.95 6.53 12.11
C IAC I . 24.78 6.75 12.24
C1 IAC I . 25.94 5.97 11.36
C1 IAC I . 25.54 6.02 11.38
C2 IAC I . 26.47 4.71 11.70
C2 IAC I . 25.97 4.73 11.76
C3 IAC I . 25.98 4.04 12.81
C3 IAC I . 25.62 4.21 12.99
C4 IAC I . 24.97 4.61 13.58
C4 IAC I . 24.85 4.96 13.86
C5 IAC I . 24.44 5.84 13.24
C5 IAC I . 24.42 6.22 13.49
C7 IAC I . 26.23 6.84 10.34
C7 IAC I . 25.74 6.76 10.24
C8 IAC I . 25.41 7.93 10.47
C8 IAC I . 25.08 7.96 10.41
C17 IAC I . 27.21 6.83 9.17
C17 IAC I . 26.46 6.54 8.92
C18 IAC I . 27.11 5.49 8.42
C18 IAC I . 27.90 7.08 8.88
N IAC I . 24.63 7.74 11.56
N IAC I . 24.49 7.95 11.63
O2 IAC I . 26.06 4.81 8.52
O2 IAC I . 28.19 8.23 9.25
O3 IAC I . 28.09 5.10 7.73
O3 IAC I . 28.80 6.33 8.42
C IAC J . 32.05 0.13 6.42
C1 IAC J . 33.36 0.41 6.08
C2 IAC J . 34.39 -0.43 6.56
C3 IAC J . 34.07 -1.52 7.38
C4 IAC J . 32.76 -1.80 7.73
C5 IAC J . 31.75 -0.97 7.25
C7 IAC J . 33.36 1.52 5.28
C8 IAC J . 32.05 1.95 5.13
C17 IAC J . 34.46 2.35 4.59
C18 IAC J . 33.92 3.02 3.32
N IAC J . 31.25 1.09 5.83
O2 IAC J . 33.40 2.34 2.40
O3 IAC J . 34.03 4.28 3.20
C IAC K . 13.20 9.86 -4.64
C1 IAC K . 14.40 9.91 -5.30
C2 IAC K . 14.68 11.00 -6.13
C3 IAC K . 13.76 12.04 -6.28
C4 IAC K . 12.55 11.99 -5.60
C5 IAC K . 12.27 10.90 -4.78
C7 IAC K . 15.12 8.78 -5.00
C8 IAC K . 14.36 8.02 -4.11
C17 IAC K . 16.51 8.31 -5.42
C18 IAC K . 16.66 6.84 -5.82
N IAC K . 13.18 8.71 -3.90
O2 IAC K . 15.66 6.06 -5.93
O3 IAC K . 17.83 6.40 -6.04
#